data_3E7X
#
_entry.id   3E7X
#
_cell.length_a   45.765
_cell.length_b   91.389
_cell.length_c   121.471
_cell.angle_alpha   90.000
_cell.angle_beta   90.000
_cell.angle_gamma   90.000
#
_symmetry.space_group_name_H-M   'P 21 21 21'
#
loop_
_entity.id
_entity.type
_entity.pdbx_description
1 polymer 'D-alanine--poly(phosphoribitol) ligase subunit 1'
2 non-polymer 'ADENOSINE MONOPHOSPHATE'
3 water water
#
_entity_poly.entity_id   1
_entity_poly.type   'polypeptide(L)'
_entity_poly.pdbx_seq_one_letter_code
;MKLLHAIQTHAETYPQTDAFRSQGQSLTYQELWEQSDRAAAAIQKRISGEKKSPILVYGHMEPHMIVSFLGSVKAGHPYI
PVDLSIPSERIAKIIESSGAELLIHAAGLSIDAVGQQIQTVSAEELLENEGGSVSQDQWVKEHETFYIIYTSGSTGNPKG
VQISAANLQSFTDWICADFPVSGGKIFLNQAPFSFDLSVMDLYPCLQSGGTLHCVTKDAVNKPKVLFEELKKSGLNVWTS
TPSFVQMCLMDPGFSQDLLPHADTFMFCGEVLPVSVAKALLERFPKAKIFNTYGPTEATVAVTSVEITNDVISRSESLPV
GFAKPDMNIFIMDEEGQPLPEGEKGEIVIAGPSVSRGYLGEPELTEKAFFSHEGQWAYRTGDAGFIQDGQIFCQGRLDFQ
IKLHGYRMELEEIEFHVRQSQYVRSAVVIPYQPNGTVEYLIAAIVPEEHEFEKEFQLTSAIKKELAASLPAYMIPRKFIY
QDHIQMTANGKIDRKRIGEEVLVRSHHHHHH
;
_entity_poly.pdbx_strand_id   A
#
loop_
_chem_comp.id
_chem_comp.type
_chem_comp.name
_chem_comp.formula
AMP non-polymer 'ADENOSINE MONOPHOSPHATE' 'C10 H14 N5 O7 P'
#
# COMPACT_ATOMS: atom_id res chain seq x y z
N MET A 1 -9.30 9.35 21.25
CA MET A 1 -8.13 10.27 21.35
C MET A 1 -7.41 10.43 20.03
N LYS A 2 -7.43 11.64 19.48
CA LYS A 2 -6.75 11.92 18.23
C LYS A 2 -5.37 11.28 18.30
N LEU A 3 -4.93 10.75 17.18
CA LEU A 3 -3.65 10.10 17.06
C LEU A 3 -2.49 10.94 17.59
N LEU A 4 -2.38 12.16 17.11
CA LEU A 4 -1.29 13.05 17.51
C LEU A 4 -1.18 13.26 19.02
N HIS A 5 -2.32 13.39 19.70
CA HIS A 5 -2.30 13.58 21.14
C HIS A 5 -1.81 12.34 21.88
N ALA A 6 -2.19 11.15 21.43
CA ALA A 6 -1.71 9.95 22.08
C ALA A 6 -0.18 9.92 21.99
N ILE A 7 0.35 10.15 20.79
CA ILE A 7 1.81 10.15 20.61
C ILE A 7 2.43 11.19 21.54
N GLN A 8 1.82 12.37 21.57
CA GLN A 8 2.28 13.46 22.43
C GLN A 8 2.30 13.00 23.90
N THR A 9 1.26 12.29 24.31
CA THR A 9 1.17 11.80 25.68
C THR A 9 2.21 10.74 26.00
N HIS A 10 2.50 9.86 25.04
CA HIS A 10 3.50 8.84 25.24
C HIS A 10 4.86 9.51 25.36
N ALA A 11 5.04 10.62 24.65
CA ALA A 11 6.30 11.33 24.68
C ALA A 11 6.51 11.99 26.04
N GLU A 12 5.41 12.28 26.72
CA GLU A 12 5.47 12.92 28.03
C GLU A 12 5.52 11.89 29.15
N THR A 13 4.65 10.90 29.06
CA THR A 13 4.59 9.86 30.08
C THR A 13 5.85 8.98 30.04
N TYR A 14 6.07 8.27 28.93
CA TYR A 14 7.24 7.41 28.82
C TYR A 14 8.12 7.86 27.66
N PRO A 15 8.80 9.00 27.79
CA PRO A 15 9.67 9.54 26.75
C PRO A 15 10.87 8.67 26.38
N GLN A 16 11.22 7.72 27.24
CA GLN A 16 12.38 6.88 26.97
C GLN A 16 12.10 5.56 26.23
N THR A 17 10.85 5.12 26.21
CA THR A 17 10.50 3.89 25.51
C THR A 17 10.59 4.10 24.00
N ASP A 18 11.13 3.12 23.28
CA ASP A 18 11.28 3.26 21.83
C ASP A 18 9.97 3.31 21.08
N ALA A 19 9.94 4.10 20.03
CA ALA A 19 8.76 4.24 19.21
C ALA A 19 9.04 3.71 17.82
N PHE A 20 10.31 3.72 17.43
CA PHE A 20 10.68 3.31 16.09
C PHE A 20 12.07 2.69 16.02
N ARG A 21 12.16 1.49 15.46
CA ARG A 21 13.46 0.83 15.30
C ARG A 21 13.65 0.45 13.83
N SER A 22 14.77 0.87 13.25
CA SER A 22 15.06 0.58 11.85
C SER A 22 16.54 0.49 11.54
N GLN A 23 17.03 -0.73 11.34
N GLN A 23 17.03 -0.73 11.34
CA GLN A 23 18.43 -0.95 11.02
C GLN A 23 19.40 -0.29 11.99
C GLN A 23 19.40 -0.29 11.99
N GLY A 24 19.50 -0.85 13.21
CA GLY A 24 20.39 -0.30 14.20
C GLY A 24 19.98 1.02 14.82
N GLN A 25 19.24 1.84 14.07
CA GLN A 25 18.80 3.12 14.60
C GLN A 25 17.51 3.00 15.40
N SER A 26 17.36 3.87 16.39
CA SER A 26 16.17 3.86 17.22
C SER A 26 15.68 5.28 17.43
N LEU A 27 14.50 5.42 18.00
CA LEU A 27 13.91 6.72 18.23
C LEU A 27 12.86 6.56 19.34
N THR A 28 12.93 7.41 20.36
CA THR A 28 11.98 7.35 21.46
C THR A 28 10.78 8.22 21.15
N TYR A 29 9.68 8.02 21.88
CA TYR A 29 8.51 8.83 21.64
C TYR A 29 8.83 10.28 21.93
N GLN A 30 9.84 10.50 22.77
CA GLN A 30 10.25 11.85 23.12
C GLN A 30 11.00 12.47 21.95
N GLU A 31 11.92 11.69 21.36
CA GLU A 31 12.71 12.15 20.22
C GLU A 31 11.81 12.35 19.00
N LEU A 32 10.95 11.38 18.75
CA LEU A 32 10.03 11.44 17.64
C LEU A 32 9.16 12.67 17.74
N TRP A 33 8.66 12.94 18.94
CA TRP A 33 7.79 14.09 19.13
C TRP A 33 8.47 15.44 19.05
N GLU A 34 9.71 15.53 19.52
CA GLU A 34 10.43 16.80 19.48
C GLU A 34 10.97 17.08 18.10
N GLN A 35 11.50 16.05 17.46
CA GLN A 35 12.04 16.21 16.11
C GLN A 35 10.91 16.56 15.16
N SER A 36 9.79 15.85 15.26
CA SER A 36 8.65 16.13 14.38
C SER A 36 8.21 17.57 14.63
N ASP A 37 8.29 18.02 15.88
CA ASP A 37 7.93 19.39 16.23
C ASP A 37 8.87 20.35 15.50
N ARG A 38 10.17 20.08 15.57
CA ARG A 38 11.16 20.91 14.89
C ARG A 38 10.90 20.95 13.40
N ALA A 39 10.61 19.79 12.82
CA ALA A 39 10.34 19.70 11.38
C ALA A 39 9.14 20.56 10.99
N ALA A 40 8.04 20.39 11.71
CA ALA A 40 6.85 21.17 11.42
C ALA A 40 7.19 22.65 11.30
N ALA A 41 7.92 23.17 12.28
CA ALA A 41 8.31 24.57 12.32
C ALA A 41 9.22 24.99 11.16
N ALA A 42 10.16 24.13 10.81
CA ALA A 42 11.07 24.43 9.71
C ALA A 42 10.29 24.40 8.40
N ILE A 43 9.30 23.51 8.33
CA ILE A 43 8.48 23.38 7.13
C ILE A 43 7.70 24.64 6.78
N GLN A 44 7.05 25.24 7.78
CA GLN A 44 6.27 26.45 7.54
C GLN A 44 7.09 27.64 7.03
N LYS A 45 8.41 27.54 7.11
CA LYS A 45 9.29 28.60 6.64
C LYS A 45 9.64 28.39 5.18
N ARG A 46 9.27 27.22 4.62
CA ARG A 46 9.60 26.90 3.24
C ARG A 46 8.42 26.83 2.26
N ILE A 47 7.19 26.78 2.77
CA ILE A 47 6.03 26.72 1.89
C ILE A 47 4.88 27.54 2.47
N SER A 48 3.99 28.02 1.61
CA SER A 48 2.87 28.82 2.09
C SER A 48 1.79 27.96 2.72
N GLY A 49 1.20 28.46 3.80
CA GLY A 49 0.13 27.75 4.46
C GLY A 49 -1.16 28.16 3.77
N GLU A 50 -1.03 29.05 2.80
CA GLU A 50 -2.16 29.59 2.03
C GLU A 50 -3.12 28.45 1.72
N LYS A 51 -2.57 27.38 1.16
N LYS A 51 -2.56 27.38 1.18
CA LYS A 51 -3.36 26.21 0.81
CA LYS A 51 -3.36 26.20 0.84
C LYS A 51 -2.64 24.99 1.39
C LYS A 51 -2.65 24.99 1.41
N LYS A 52 -3.38 23.90 1.61
CA LYS A 52 -2.79 22.71 2.18
C LYS A 52 -2.17 21.78 1.15
N SER A 53 -1.06 22.26 0.57
CA SER A 53 -0.32 21.53 -0.45
C SER A 53 0.44 20.35 0.13
N PRO A 54 0.43 19.21 -0.57
CA PRO A 54 1.12 18.00 -0.11
C PRO A 54 2.64 18.14 -0.04
N ILE A 55 3.25 17.36 0.85
CA ILE A 55 4.69 17.36 1.02
C ILE A 55 5.15 15.93 0.78
N LEU A 56 5.99 15.72 -0.23
CA LEU A 56 6.49 14.39 -0.53
C LEU A 56 7.56 14.01 0.47
N VAL A 57 7.46 12.81 1.03
CA VAL A 57 8.46 12.34 1.98
C VAL A 57 9.12 11.16 1.28
N TYR A 58 10.39 11.35 0.94
CA TYR A 58 11.15 10.39 0.16
C TYR A 58 12.22 9.61 0.89
N GLY A 59 12.19 8.29 0.72
CA GLY A 59 13.15 7.41 1.35
C GLY A 59 12.56 6.02 1.49
N HIS A 60 13.04 5.24 2.45
CA HIS A 60 12.52 3.90 2.65
C HIS A 60 11.91 3.80 4.04
N MET A 61 12.70 3.33 5.00
CA MET A 61 12.22 3.18 6.38
C MET A 61 13.14 3.81 7.43
N GLU A 62 13.86 4.87 7.06
CA GLU A 62 14.74 5.54 8.02
C GLU A 62 13.90 6.33 9.01
N PRO A 63 14.43 6.56 10.21
CA PRO A 63 13.71 7.31 11.25
C PRO A 63 13.14 8.65 10.76
N HIS A 64 13.78 9.25 9.77
CA HIS A 64 13.34 10.54 9.26
C HIS A 64 12.03 10.49 8.47
N MET A 65 11.64 9.29 8.05
CA MET A 65 10.39 9.15 7.31
C MET A 65 9.24 9.40 8.29
N ILE A 66 9.29 8.72 9.44
CA ILE A 66 8.24 8.87 10.41
C ILE A 66 8.26 10.28 11.01
N VAL A 67 9.44 10.85 11.14
CA VAL A 67 9.55 12.22 11.67
C VAL A 67 8.89 13.20 10.68
N SER A 68 9.20 13.05 9.40
CA SER A 68 8.65 13.92 8.37
C SER A 68 7.13 13.77 8.24
N PHE A 69 6.63 12.56 8.41
CA PHE A 69 5.20 12.35 8.33
C PHE A 69 4.52 13.24 9.37
N LEU A 70 5.00 13.13 10.60
CA LEU A 70 4.46 13.90 11.71
C LEU A 70 4.76 15.38 11.56
N GLY A 71 5.91 15.71 11.00
CA GLY A 71 6.25 17.10 10.81
C GLY A 71 5.26 17.71 9.83
N SER A 72 5.00 17.00 8.75
N SER A 72 5.00 16.99 8.75
CA SER A 72 4.06 17.48 7.74
CA SER A 72 4.06 17.45 7.73
C SER A 72 2.70 17.80 8.35
C SER A 72 2.70 17.79 8.32
N VAL A 73 2.05 16.81 8.95
CA VAL A 73 0.73 17.01 9.55
C VAL A 73 0.72 17.99 10.72
N LYS A 74 1.78 18.00 11.52
CA LYS A 74 1.80 18.93 12.63
C LYS A 74 1.92 20.35 12.08
N ALA A 75 2.42 20.46 10.87
CA ALA A 75 2.57 21.75 10.22
C ALA A 75 1.30 22.09 9.44
N GLY A 76 0.35 21.17 9.45
CA GLY A 76 -0.90 21.40 8.75
C GLY A 76 -0.97 20.90 7.32
N HIS A 77 0.05 20.17 6.88
CA HIS A 77 0.08 19.64 5.51
C HIS A 77 0.04 18.13 5.46
N PRO A 78 -0.63 17.57 4.45
CA PRO A 78 -0.70 16.11 4.33
C PRO A 78 0.60 15.67 3.66
N TYR A 79 1.02 14.44 3.90
CA TYR A 79 2.25 13.97 3.28
C TYR A 79 1.95 12.87 2.29
N ILE A 80 2.78 12.81 1.24
CA ILE A 80 2.70 11.78 0.20
C ILE A 80 3.93 10.92 0.40
N PRO A 81 3.78 9.72 0.98
CA PRO A 81 4.95 8.85 1.19
C PRO A 81 5.47 8.34 -0.14
N VAL A 82 6.77 8.47 -0.37
CA VAL A 82 7.38 8.02 -1.61
C VAL A 82 8.57 7.09 -1.34
N ASP A 83 8.43 5.83 -1.73
CA ASP A 83 9.51 4.88 -1.49
C ASP A 83 10.60 4.89 -2.57
N LEU A 84 11.82 4.54 -2.16
CA LEU A 84 12.98 4.52 -3.06
C LEU A 84 12.74 3.72 -4.34
N SER A 85 11.80 2.78 -4.28
CA SER A 85 11.48 1.92 -5.42
C SER A 85 10.66 2.61 -6.52
N ILE A 86 10.07 3.76 -6.20
CA ILE A 86 9.27 4.49 -7.17
C ILE A 86 10.22 5.32 -8.03
N PRO A 87 10.25 5.04 -9.36
CA PRO A 87 11.10 5.70 -10.35
C PRO A 87 10.81 7.18 -10.59
N SER A 88 11.86 7.89 -11.03
CA SER A 88 11.86 9.33 -11.30
C SER A 88 10.65 9.90 -12.01
N GLU A 89 10.28 9.31 -13.15
CA GLU A 89 9.15 9.79 -13.92
C GLU A 89 7.82 9.66 -13.19
N ARG A 90 7.66 8.57 -12.45
CA ARG A 90 6.42 8.39 -11.71
C ARG A 90 6.38 9.48 -10.64
N ILE A 91 7.51 9.68 -9.96
CA ILE A 91 7.61 10.69 -8.93
C ILE A 91 7.25 12.04 -9.54
N ALA A 92 7.78 12.29 -10.72
CA ALA A 92 7.52 13.53 -11.44
C ALA A 92 6.03 13.63 -11.71
N LYS A 93 5.40 12.51 -12.01
CA LYS A 93 3.96 12.52 -12.28
C LYS A 93 3.21 12.90 -11.01
N ILE A 94 3.64 12.29 -9.91
CA ILE A 94 3.03 12.52 -8.61
C ILE A 94 3.20 13.97 -8.21
N ILE A 95 4.40 14.49 -8.34
CA ILE A 95 4.65 15.88 -8.00
C ILE A 95 3.69 16.73 -8.82
N GLU A 96 3.68 16.49 -10.12
CA GLU A 96 2.82 17.21 -11.06
C GLU A 96 1.37 17.33 -10.65
N SER A 97 0.70 16.21 -10.42
CA SER A 97 -0.72 16.22 -10.05
C SER A 97 -1.06 16.65 -8.63
N SER A 98 -0.19 16.30 -7.67
CA SER A 98 -0.44 16.63 -6.28
C SER A 98 -0.33 18.12 -5.94
N GLY A 99 0.44 18.85 -6.74
CA GLY A 99 0.62 20.27 -6.48
C GLY A 99 1.58 20.47 -5.31
N ALA A 100 2.36 19.45 -5.02
CA ALA A 100 3.33 19.46 -3.92
C ALA A 100 4.44 20.50 -4.08
N GLU A 101 4.77 21.20 -3.01
CA GLU A 101 5.81 22.22 -3.09
C GLU A 101 7.01 21.93 -2.24
N LEU A 102 7.07 20.72 -1.71
CA LEU A 102 8.19 20.31 -0.87
C LEU A 102 8.42 18.80 -0.83
N LEU A 103 9.67 18.40 -1.06
CA LEU A 103 10.05 17.00 -1.03
C LEU A 103 11.17 16.90 -0.02
N ILE A 104 10.97 16.05 0.98
CA ILE A 104 11.95 15.85 2.03
C ILE A 104 12.58 14.48 1.82
N HIS A 105 13.90 14.42 1.67
CA HIS A 105 14.51 13.11 1.51
C HIS A 105 15.22 12.76 2.81
N ALA A 106 14.61 11.82 3.51
CA ALA A 106 15.06 11.32 4.81
C ALA A 106 16.57 11.29 5.04
N ALA A 107 17.35 11.58 4.00
CA ALA A 107 18.81 11.59 4.14
C ALA A 107 19.47 12.30 2.96
N GLY A 108 20.74 12.65 3.11
CA GLY A 108 21.44 13.29 2.02
C GLY A 108 21.48 12.30 0.87
N LEU A 109 21.11 12.75 -0.33
CA LEU A 109 21.09 11.89 -1.51
C LEU A 109 22.46 11.30 -1.85
N SER A 110 22.63 10.86 -3.10
CA SER A 110 23.89 10.27 -3.53
C SER A 110 24.29 10.73 -4.94
N ILE A 111 25.13 9.94 -5.60
CA ILE A 111 25.58 10.26 -6.95
C ILE A 111 24.41 10.15 -7.92
N ASP A 112 23.85 11.30 -8.30
CA ASP A 112 22.71 11.35 -9.22
C ASP A 112 21.45 10.76 -8.58
N ALA A 113 21.00 11.37 -7.50
CA ALA A 113 19.81 10.92 -6.79
C ALA A 113 18.61 11.82 -7.09
N VAL A 114 18.33 12.76 -6.19
CA VAL A 114 17.20 13.66 -6.39
C VAL A 114 17.44 14.63 -7.55
N GLY A 115 16.54 14.58 -8.53
CA GLY A 115 16.63 15.46 -9.69
C GLY A 115 15.21 15.80 -10.10
N GLN A 116 14.49 16.45 -9.19
CA GLN A 116 13.10 16.82 -9.43
C GLN A 116 12.92 18.33 -9.46
N GLN A 117 11.79 18.77 -10.01
CA GLN A 117 11.48 20.18 -10.09
C GLN A 117 10.49 20.54 -9.01
N ILE A 118 11.00 20.61 -7.79
CA ILE A 118 10.24 20.92 -6.59
C ILE A 118 11.26 21.21 -5.50
N GLN A 119 10.87 22.01 -4.50
CA GLN A 119 11.79 22.32 -3.40
C GLN A 119 12.26 21.05 -2.71
N THR A 120 13.58 20.92 -2.57
CA THR A 120 14.17 19.74 -1.96
C THR A 120 14.91 20.03 -0.66
N VAL A 121 14.67 19.21 0.36
CA VAL A 121 15.32 19.37 1.65
C VAL A 121 15.61 18.01 2.25
N SER A 122 16.82 17.86 2.80
CA SER A 122 17.15 16.62 3.46
C SER A 122 16.50 16.74 4.83
N ALA A 123 16.21 15.61 5.47
CA ALA A 123 15.57 15.64 6.78
C ALA A 123 16.52 16.25 7.80
N GLU A 124 17.80 15.97 7.65
CA GLU A 124 18.83 16.48 8.54
C GLU A 124 18.84 18.01 8.48
N GLU A 125 18.82 18.55 7.27
CA GLU A 125 18.82 19.99 7.07
C GLU A 125 17.64 20.63 7.80
N LEU A 126 16.46 20.04 7.66
CA LEU A 126 15.29 20.57 8.34
C LEU A 126 15.46 20.50 9.83
N LEU A 127 15.83 19.34 10.33
CA LEU A 127 15.99 19.19 11.77
C LEU A 127 16.98 20.16 12.41
N GLU A 128 17.62 21.03 11.62
CA GLU A 128 18.54 22.02 12.19
C GLU A 128 17.82 23.36 12.43
N ASN A 129 16.50 23.29 12.53
CA ASN A 129 15.64 24.45 12.81
C ASN A 129 15.90 24.70 14.27
N GLU A 130 15.42 25.81 14.81
CA GLU A 130 15.70 26.08 16.21
C GLU A 130 14.61 25.67 17.20
N GLY A 131 14.04 26.67 17.89
CA GLY A 131 13.00 26.40 18.85
C GLY A 131 12.08 25.40 18.21
N GLY A 132 11.85 25.61 16.91
CA GLY A 132 10.99 24.73 16.15
C GLY A 132 9.86 24.19 17.01
N SER A 133 8.72 24.85 16.97
CA SER A 133 7.58 24.39 17.73
C SER A 133 6.30 25.00 17.22
N VAL A 134 5.44 24.14 16.68
CA VAL A 134 4.16 24.60 16.19
C VAL A 134 3.20 24.31 17.34
N SER A 135 1.97 24.78 17.22
CA SER A 135 0.99 24.55 18.25
C SER A 135 -0.17 23.74 17.69
N GLN A 136 -0.77 22.92 18.55
CA GLN A 136 -1.88 22.06 18.18
C GLN A 136 -2.83 22.64 17.13
N ASP A 137 -3.06 23.94 17.17
CA ASP A 137 -3.97 24.58 16.23
C ASP A 137 -3.52 24.46 14.79
N GLN A 138 -2.26 24.10 14.59
CA GLN A 138 -1.70 23.92 13.25
C GLN A 138 -2.02 22.53 12.70
N TRP A 139 -1.81 21.50 13.54
CA TRP A 139 -2.06 20.11 13.18
C TRP A 139 -3.29 19.90 12.28
N VAL A 140 -3.17 19.02 11.30
CA VAL A 140 -4.29 18.73 10.42
C VAL A 140 -5.35 18.10 11.31
N LYS A 141 -6.61 18.33 11.00
CA LYS A 141 -7.67 17.79 11.83
C LYS A 141 -8.96 17.51 11.07
N GLU A 142 -9.87 16.81 11.74
CA GLU A 142 -11.16 16.47 11.16
C GLU A 142 -11.05 15.89 9.75
N HIS A 143 -11.70 16.53 8.79
CA HIS A 143 -11.69 16.02 7.42
C HIS A 143 -10.56 16.54 6.55
N GLU A 144 -9.59 17.18 7.17
CA GLU A 144 -8.44 17.68 6.42
C GLU A 144 -7.58 16.45 6.09
N THR A 145 -6.98 16.45 4.91
CA THR A 145 -6.16 15.33 4.48
C THR A 145 -4.91 15.13 5.34
N PHE A 146 -4.71 13.90 5.82
CA PHE A 146 -3.56 13.54 6.63
C PHE A 146 -2.41 13.06 5.71
N TYR A 147 -2.73 12.14 4.81
CA TYR A 147 -1.77 11.64 3.86
C TYR A 147 -2.46 11.26 2.56
N ILE A 148 -1.71 11.31 1.46
CA ILE A 148 -2.26 10.94 0.16
C ILE A 148 -1.39 9.82 -0.34
N ILE A 149 -1.96 8.64 -0.47
CA ILE A 149 -1.16 7.55 -1.00
C ILE A 149 -1.54 7.32 -2.44
N TYR A 150 -0.53 7.30 -3.31
CA TYR A 150 -0.76 7.09 -4.73
C TYR A 150 -0.75 5.62 -5.10
N THR A 151 -1.64 5.27 -6.02
CA THR A 151 -1.76 3.90 -6.51
C THR A 151 -1.97 3.91 -8.03
N SER A 152 -1.79 2.75 -8.64
CA SER A 152 -1.94 2.57 -10.08
C SER A 152 -3.23 3.15 -10.67
N GLY A 153 -3.07 3.86 -11.78
CA GLY A 153 -4.20 4.45 -12.47
C GLY A 153 -4.36 3.81 -13.83
N SER A 154 -5.50 3.17 -14.07
CA SER A 154 -5.76 2.48 -15.33
C SER A 154 -5.59 3.31 -16.59
N THR A 155 -5.75 4.63 -16.50
CA THR A 155 -5.60 5.47 -17.68
C THR A 155 -4.16 5.80 -18.01
N GLY A 156 -3.22 5.28 -17.23
CA GLY A 156 -1.81 5.53 -17.50
C GLY A 156 -1.02 6.31 -16.47
N ASN A 157 -1.70 6.97 -15.54
CA ASN A 157 -1.02 7.74 -14.50
C ASN A 157 -1.53 7.34 -13.13
N PRO A 158 -0.67 7.45 -12.10
CA PRO A 158 -1.09 7.08 -10.75
C PRO A 158 -2.10 8.08 -10.20
N LYS A 159 -2.99 7.61 -9.35
CA LYS A 159 -4.00 8.46 -8.74
C LYS A 159 -3.79 8.49 -7.23
N GLY A 160 -3.94 9.67 -6.64
CA GLY A 160 -3.73 9.81 -5.22
C GLY A 160 -4.98 9.78 -4.35
N VAL A 161 -5.05 8.77 -3.49
CA VAL A 161 -6.17 8.62 -2.57
C VAL A 161 -5.91 9.51 -1.34
N GLN A 162 -6.83 10.42 -1.08
CA GLN A 162 -6.70 11.32 0.06
C GLN A 162 -7.28 10.70 1.32
N ILE A 163 -6.48 10.61 2.37
CA ILE A 163 -6.97 10.02 3.62
C ILE A 163 -6.94 11.08 4.70
N SER A 164 -8.13 11.41 5.21
CA SER A 164 -8.25 12.44 6.23
C SER A 164 -7.91 11.95 7.62
N ALA A 165 -7.74 12.90 8.53
CA ALA A 165 -7.44 12.61 9.92
C ALA A 165 -8.57 11.77 10.49
N ALA A 166 -9.80 12.10 10.12
CA ALA A 166 -10.97 11.37 10.58
C ALA A 166 -10.97 9.95 9.98
N ASN A 167 -10.55 9.85 8.71
CA ASN A 167 -10.44 8.57 8.03
C ASN A 167 -9.52 7.69 8.87
N LEU A 168 -8.27 8.15 8.99
CA LEU A 168 -7.22 7.46 9.72
C LEU A 168 -7.58 7.13 11.16
N GLN A 169 -8.08 8.12 11.89
CA GLN A 169 -8.45 7.92 13.29
C GLN A 169 -9.51 6.84 13.40
N SER A 170 -10.49 6.89 12.51
CA SER A 170 -11.56 5.91 12.51
C SER A 170 -11.01 4.48 12.39
N PHE A 171 -10.00 4.33 11.52
CA PHE A 171 -9.36 3.04 11.31
C PHE A 171 -8.45 2.71 12.49
N THR A 172 -7.71 3.70 12.96
CA THR A 172 -6.79 3.47 14.07
C THR A 172 -7.49 3.06 15.35
N ASP A 173 -8.57 3.75 15.70
CA ASP A 173 -9.30 3.39 16.91
C ASP A 173 -9.79 1.94 16.78
N TRP A 174 -10.22 1.58 15.58
CA TRP A 174 -10.71 0.24 15.30
C TRP A 174 -9.68 -0.84 15.66
N ILE A 175 -8.49 -0.71 15.09
CA ILE A 175 -7.42 -1.66 15.33
C ILE A 175 -7.08 -1.77 16.82
N CYS A 176 -6.79 -0.64 17.44
CA CYS A 176 -6.42 -0.61 18.86
C CYS A 176 -7.49 -1.14 19.81
N ALA A 177 -8.76 -1.01 19.42
CA ALA A 177 -9.85 -1.45 20.29
C ALA A 177 -10.32 -2.88 20.05
N ASP A 178 -10.42 -3.27 18.79
CA ASP A 178 -10.92 -4.60 18.49
C ASP A 178 -9.90 -5.70 18.24
N PHE A 179 -8.61 -5.39 18.41
CA PHE A 179 -7.57 -6.40 18.18
C PHE A 179 -6.54 -6.43 19.31
N PRO A 180 -5.97 -7.62 19.57
CA PRO A 180 -4.96 -7.80 20.62
C PRO A 180 -3.60 -7.18 20.31
N VAL A 181 -3.59 -5.87 20.07
CA VAL A 181 -2.34 -5.17 19.76
C VAL A 181 -2.00 -4.09 20.79
N SER A 182 -2.91 -3.88 21.74
CA SER A 182 -2.69 -2.86 22.78
C SER A 182 -1.73 -3.35 23.85
N GLY A 183 -1.26 -2.43 24.69
CA GLY A 183 -0.35 -2.78 25.76
C GLY A 183 1.08 -2.38 25.51
N GLY A 184 1.32 -1.68 24.41
CA GLY A 184 2.67 -1.26 24.09
C GLY A 184 3.49 -2.45 23.62
N LYS A 185 3.06 -3.07 22.53
N LYS A 185 3.05 -3.07 22.54
CA LYS A 185 3.77 -4.21 21.98
CA LYS A 185 3.75 -4.22 21.97
C LYS A 185 4.73 -3.77 20.89
C LYS A 185 4.72 -3.77 20.88
N ILE A 186 5.44 -4.74 20.33
CA ILE A 186 6.40 -4.48 19.27
C ILE A 186 5.74 -4.88 17.95
N PHE A 187 5.55 -3.89 17.07
CA PHE A 187 4.90 -4.11 15.78
C PHE A 187 5.90 -4.21 14.64
N LEU A 188 5.77 -5.24 13.84
CA LEU A 188 6.64 -5.40 12.69
C LEU A 188 6.15 -4.50 11.57
N ASN A 189 7.07 -4.04 10.74
CA ASN A 189 6.70 -3.24 9.58
C ASN A 189 7.56 -3.72 8.43
N GLN A 190 6.94 -4.36 7.46
CA GLN A 190 7.65 -4.88 6.29
C GLN A 190 7.25 -4.12 5.04
N ALA A 191 6.04 -3.58 5.03
CA ALA A 191 5.54 -2.84 3.87
C ALA A 191 6.13 -1.44 3.73
N PRO A 192 6.59 -1.08 2.52
CA PRO A 192 7.15 0.26 2.36
C PRO A 192 6.04 1.25 2.69
N PHE A 193 6.40 2.41 3.22
CA PHE A 193 5.40 3.39 3.60
C PHE A 193 4.53 3.94 2.49
N SER A 194 4.87 3.65 1.24
CA SER A 194 4.08 4.14 0.11
C SER A 194 2.91 3.21 -0.24
N PHE A 195 2.70 2.17 0.57
CA PHE A 195 1.57 1.25 0.43
C PHE A 195 0.86 1.38 1.79
N ASP A 196 -0.44 1.65 1.79
CA ASP A 196 -1.14 1.84 3.05
C ASP A 196 -1.19 0.63 3.98
N LEU A 197 -0.81 -0.54 3.50
CA LEU A 197 -0.81 -1.71 4.38
C LEU A 197 0.08 -1.34 5.56
N SER A 198 1.09 -0.52 5.28
N SER A 198 1.11 -0.53 5.29
CA SER A 198 2.03 -0.06 6.29
CA SER A 198 2.03 -0.09 6.31
C SER A 198 1.30 0.63 7.43
C SER A 198 1.29 0.62 7.45
N VAL A 199 0.22 1.34 7.10
CA VAL A 199 -0.56 2.05 8.09
C VAL A 199 -1.13 1.11 9.12
N MET A 200 -1.53 -0.09 8.69
CA MET A 200 -2.11 -1.03 9.65
C MET A 200 -1.24 -1.21 10.89
N ASP A 201 0.07 -1.16 10.73
CA ASP A 201 0.93 -1.31 11.90
C ASP A 201 1.53 0.01 12.40
N LEU A 202 1.88 0.91 11.48
CA LEU A 202 2.49 2.18 11.86
C LEU A 202 1.70 3.00 12.87
N TYR A 203 0.51 3.44 12.48
CA TYR A 203 -0.29 4.25 13.38
C TYR A 203 -0.96 3.53 14.53
N PRO A 204 -1.41 2.27 14.33
CA PRO A 204 -2.01 1.65 15.51
C PRO A 204 -0.93 1.50 16.57
N CYS A 205 0.31 1.28 16.13
CA CYS A 205 1.45 1.12 17.03
C CYS A 205 1.76 2.41 17.79
N LEU A 206 1.87 3.52 17.08
CA LEU A 206 2.19 4.77 17.73
C LEU A 206 1.12 5.21 18.72
N GLN A 207 -0.15 5.05 18.34
CA GLN A 207 -1.25 5.44 19.22
C GLN A 207 -1.28 4.56 20.46
N SER A 208 -0.97 3.28 20.29
CA SER A 208 -0.98 2.36 21.41
C SER A 208 0.31 2.45 22.21
N GLY A 209 1.23 3.32 21.79
CA GLY A 209 2.49 3.47 22.51
C GLY A 209 3.38 2.25 22.42
N GLY A 210 3.32 1.54 21.31
CA GLY A 210 4.16 0.37 21.13
C GLY A 210 5.42 0.74 20.37
N THR A 211 6.24 -0.25 20.04
CA THR A 211 7.46 -0.01 19.31
C THR A 211 7.42 -0.58 17.90
N LEU A 212 7.72 0.27 16.92
CA LEU A 212 7.72 -0.17 15.53
C LEU A 212 9.08 -0.72 15.16
N HIS A 213 9.10 -1.93 14.65
CA HIS A 213 10.35 -2.54 14.25
C HIS A 213 10.33 -2.77 12.74
N CYS A 214 11.10 -1.98 12.01
CA CYS A 214 11.16 -2.11 10.56
C CYS A 214 12.07 -3.24 10.09
N VAL A 215 11.79 -3.75 8.90
CA VAL A 215 12.59 -4.79 8.28
C VAL A 215 12.66 -4.31 6.84
N THR A 216 13.80 -3.72 6.50
CA THR A 216 14.00 -3.13 5.18
C THR A 216 14.15 -4.05 3.98
N LYS A 217 14.15 -3.44 2.80
N LYS A 217 14.15 -3.45 2.80
CA LYS A 217 14.29 -4.17 1.55
CA LYS A 217 14.29 -4.20 1.55
C LYS A 217 15.61 -4.92 1.56
C LYS A 217 15.61 -4.95 1.59
N ASP A 218 16.64 -4.29 2.12
CA ASP A 218 17.96 -4.89 2.20
C ASP A 218 17.91 -6.22 2.93
N ALA A 219 17.38 -6.21 4.14
CA ALA A 219 17.29 -7.45 4.92
C ALA A 219 16.45 -8.49 4.18
N VAL A 220 15.36 -8.06 3.57
CA VAL A 220 14.48 -8.97 2.85
C VAL A 220 15.21 -9.68 1.70
N ASN A 221 16.18 -9.01 1.09
CA ASN A 221 16.94 -9.61 -0.02
C ASN A 221 18.04 -10.55 0.44
N LYS A 222 18.20 -10.68 1.75
CA LYS A 222 19.21 -11.56 2.32
C LYS A 222 18.57 -12.45 3.37
N PRO A 223 17.99 -13.58 2.94
CA PRO A 223 17.32 -14.54 3.82
C PRO A 223 17.97 -14.80 5.17
N LYS A 224 19.30 -14.82 5.20
CA LYS A 224 20.01 -15.06 6.45
C LYS A 224 19.76 -13.95 7.45
N VAL A 225 20.08 -12.72 7.09
CA VAL A 225 19.88 -11.59 8.00
C VAL A 225 18.41 -11.30 8.24
N LEU A 226 17.56 -11.60 7.26
CA LEU A 226 16.14 -11.35 7.44
C LEU A 226 15.71 -12.07 8.71
N PHE A 227 15.88 -13.39 8.72
CA PHE A 227 15.53 -14.19 9.89
C PHE A 227 16.32 -13.73 11.11
N GLU A 228 17.58 -13.39 10.91
CA GLU A 228 18.42 -12.91 12.00
C GLU A 228 17.74 -11.70 12.63
N GLU A 229 17.44 -10.72 11.78
CA GLU A 229 16.78 -9.47 12.18
C GLU A 229 15.48 -9.77 12.94
N LEU A 230 14.69 -10.71 12.40
CA LEU A 230 13.43 -11.07 13.02
C LEU A 230 13.58 -11.67 14.41
N LYS A 231 14.47 -12.65 14.55
CA LYS A 231 14.71 -13.29 15.85
C LYS A 231 15.09 -12.31 16.95
N LYS A 232 15.91 -11.32 16.62
CA LYS A 232 16.36 -10.34 17.60
C LYS A 232 15.33 -9.27 17.91
N SER A 233 14.34 -9.13 17.04
CA SER A 233 13.31 -8.11 17.22
C SER A 233 12.42 -8.34 18.42
N GLY A 234 12.02 -9.59 18.63
CA GLY A 234 11.14 -9.90 19.74
C GLY A 234 9.76 -9.35 19.44
N LEU A 235 9.45 -9.22 18.15
CA LEU A 235 8.16 -8.67 17.72
C LEU A 235 6.97 -9.46 18.24
N ASN A 236 5.88 -8.75 18.52
CA ASN A 236 4.65 -9.37 19.02
C ASN A 236 3.59 -9.40 17.92
N VAL A 237 3.50 -8.30 17.18
CA VAL A 237 2.51 -8.17 16.13
C VAL A 237 3.14 -8.21 14.75
N TRP A 238 2.73 -9.19 13.95
CA TRP A 238 3.23 -9.34 12.60
C TRP A 238 2.20 -8.80 11.60
N THR A 239 2.59 -7.80 10.83
CA THR A 239 1.68 -7.23 9.83
C THR A 239 2.31 -7.27 8.45
N SER A 240 1.68 -7.94 7.51
CA SER A 240 2.24 -7.98 6.17
C SER A 240 1.28 -8.61 5.19
N THR A 241 1.66 -8.65 3.92
CA THR A 241 0.83 -9.26 2.92
C THR A 241 0.98 -10.78 3.07
N PRO A 242 -0.06 -11.55 2.72
CA PRO A 242 0.04 -13.00 2.82
C PRO A 242 1.30 -13.47 2.09
N SER A 243 1.54 -12.91 0.90
CA SER A 243 2.72 -13.27 0.11
C SER A 243 4.02 -13.20 0.91
N PHE A 244 4.22 -12.13 1.68
CA PHE A 244 5.46 -12.01 2.44
C PHE A 244 5.65 -13.11 3.47
N VAL A 245 4.61 -13.40 4.26
CA VAL A 245 4.72 -14.44 5.28
C VAL A 245 4.83 -15.80 4.60
N GLN A 246 4.28 -15.92 3.41
CA GLN A 246 4.35 -17.18 2.68
C GLN A 246 5.76 -17.47 2.21
N MET A 247 6.53 -16.41 1.98
CA MET A 247 7.91 -16.56 1.55
C MET A 247 8.74 -16.99 2.75
N CYS A 248 8.35 -16.47 3.91
CA CYS A 248 9.06 -16.79 5.13
C CYS A 248 8.73 -18.21 5.55
N LEU A 249 7.48 -18.59 5.41
CA LEU A 249 7.05 -19.93 5.78
C LEU A 249 7.71 -20.97 4.88
N MET A 250 8.38 -20.49 3.84
CA MET A 250 9.06 -21.36 2.91
C MET A 250 10.28 -21.98 3.57
N ASP A 251 10.64 -21.43 4.72
CA ASP A 251 11.78 -21.93 5.48
C ASP A 251 11.25 -22.63 6.74
N PRO A 252 11.87 -23.76 7.10
CA PRO A 252 11.45 -24.51 8.29
C PRO A 252 11.70 -23.73 9.58
N GLY A 253 12.82 -23.01 9.60
CA GLY A 253 13.19 -22.22 10.76
C GLY A 253 12.22 -21.12 11.13
N PHE A 254 11.22 -20.88 10.29
CA PHE A 254 10.24 -19.85 10.54
C PHE A 254 9.05 -20.43 11.29
N SER A 255 9.09 -20.30 12.61
CA SER A 255 8.03 -20.80 13.47
C SER A 255 8.11 -20.14 14.83
N GLN A 256 7.26 -20.58 15.76
CA GLN A 256 7.23 -20.03 17.11
C GLN A 256 8.64 -19.88 17.68
N ASP A 257 9.51 -20.81 17.32
CA ASP A 257 10.89 -20.78 17.81
C ASP A 257 11.61 -19.51 17.38
N LEU A 258 11.49 -19.16 16.11
CA LEU A 258 12.14 -17.96 15.58
C LEU A 258 11.62 -16.69 16.22
N LEU A 259 10.29 -16.61 16.34
CA LEU A 259 9.62 -15.47 16.93
C LEU A 259 8.87 -15.97 18.15
N PRO A 260 9.58 -16.17 19.27
CA PRO A 260 9.04 -16.65 20.54
C PRO A 260 7.93 -15.76 21.12
N HIS A 261 8.01 -14.47 20.85
CA HIS A 261 7.03 -13.52 21.36
C HIS A 261 5.91 -13.16 20.39
N ALA A 262 5.91 -13.75 19.19
CA ALA A 262 4.86 -13.45 18.22
C ALA A 262 3.52 -13.94 18.75
N ASP A 263 2.53 -13.06 18.81
CA ASP A 263 1.23 -13.45 19.31
C ASP A 263 0.06 -12.97 18.48
N THR A 264 0.34 -12.14 17.47
CA THR A 264 -0.73 -11.61 16.62
C THR A 264 -0.35 -11.42 15.15
N PHE A 265 -1.11 -12.08 14.26
CA PHE A 265 -0.88 -11.96 12.83
C PHE A 265 -1.96 -11.12 12.16
N MET A 266 -1.54 -10.00 11.58
CA MET A 266 -2.45 -9.11 10.89
C MET A 266 -2.14 -9.21 9.40
N PHE A 267 -3.12 -9.69 8.63
CA PHE A 267 -2.95 -9.83 7.20
C PHE A 267 -3.98 -8.99 6.46
N CYS A 268 -3.57 -8.49 5.31
CA CYS A 268 -4.44 -7.64 4.52
C CYS A 268 -3.77 -7.36 3.20
N GLY A 269 -4.52 -6.86 2.23
CA GLY A 269 -3.92 -6.52 0.97
C GLY A 269 -4.05 -7.49 -0.19
N GLU A 270 -4.38 -8.74 0.13
CA GLU A 270 -4.55 -9.75 -0.90
C GLU A 270 -5.13 -11.00 -0.29
N VAL A 271 -5.59 -11.91 -1.14
CA VAL A 271 -6.16 -13.15 -0.66
C VAL A 271 -5.18 -13.88 0.25
N LEU A 272 -5.67 -14.22 1.45
CA LEU A 272 -4.85 -14.95 2.41
C LEU A 272 -5.13 -16.44 2.19
N PRO A 273 -4.25 -17.13 1.46
CA PRO A 273 -4.38 -18.56 1.16
C PRO A 273 -4.65 -19.43 2.40
N VAL A 274 -5.63 -20.32 2.28
CA VAL A 274 -5.99 -21.22 3.38
C VAL A 274 -4.75 -21.93 3.94
N SER A 275 -3.93 -22.49 3.05
CA SER A 275 -2.72 -23.19 3.46
C SER A 275 -1.83 -22.33 4.34
N VAL A 276 -1.53 -21.11 3.88
CA VAL A 276 -0.68 -20.20 4.64
C VAL A 276 -1.26 -20.04 6.04
N ALA A 277 -2.59 -20.06 6.12
CA ALA A 277 -3.28 -19.91 7.38
C ALA A 277 -3.09 -21.15 8.26
N LYS A 278 -3.16 -22.32 7.64
CA LYS A 278 -2.98 -23.57 8.37
C LYS A 278 -1.59 -23.64 8.97
N ALA A 279 -0.58 -23.45 8.13
CA ALA A 279 0.80 -23.49 8.58
C ALA A 279 0.97 -22.60 9.80
N LEU A 280 0.58 -21.34 9.67
CA LEU A 280 0.71 -20.40 10.78
C LEU A 280 0.19 -20.99 12.07
N LEU A 281 -1.02 -21.53 12.03
CA LEU A 281 -1.64 -22.13 13.20
C LEU A 281 -0.78 -23.25 13.79
N GLU A 282 -0.07 -23.96 12.93
CA GLU A 282 0.80 -25.06 13.37
C GLU A 282 2.13 -24.59 13.93
N ARG A 283 2.78 -23.65 13.24
CA ARG A 283 4.09 -23.16 13.66
C ARG A 283 4.05 -22.10 14.74
N PHE A 284 2.95 -21.36 14.81
CA PHE A 284 2.81 -20.32 15.83
C PHE A 284 1.57 -20.59 16.65
N PRO A 285 1.62 -21.61 17.52
CA PRO A 285 0.51 -22.01 18.39
C PRO A 285 0.10 -21.00 19.45
N LYS A 286 0.99 -20.05 19.74
CA LYS A 286 0.71 -19.03 20.74
C LYS A 286 0.14 -17.73 20.15
N ALA A 287 -0.10 -17.73 18.85
CA ALA A 287 -0.61 -16.52 18.21
C ALA A 287 -1.90 -16.70 17.45
N LYS A 288 -2.71 -15.64 17.45
CA LYS A 288 -3.98 -15.63 16.74
C LYS A 288 -3.72 -15.02 15.36
N ILE A 289 -4.55 -15.37 14.40
CA ILE A 289 -4.43 -14.87 13.04
C ILE A 289 -5.66 -14.05 12.72
N PHE A 290 -5.47 -12.93 12.03
CA PHE A 290 -6.57 -12.07 11.65
C PHE A 290 -6.53 -11.76 10.17
N ASN A 291 -7.69 -11.82 9.51
CA ASN A 291 -7.79 -11.54 8.10
C ASN A 291 -8.65 -10.29 7.90
N THR A 292 -8.12 -9.30 7.17
CA THR A 292 -8.81 -8.06 6.92
C THR A 292 -8.73 -7.68 5.45
N TYR A 293 -9.84 -7.20 4.91
CA TYR A 293 -9.92 -6.82 3.52
C TYR A 293 -10.24 -5.34 3.41
N GLY A 294 -9.87 -4.76 2.27
CA GLY A 294 -10.15 -3.36 2.03
C GLY A 294 -9.25 -2.71 0.99
N PRO A 295 -9.76 -1.70 0.28
CA PRO A 295 -8.97 -1.02 -0.74
C PRO A 295 -8.31 0.20 -0.09
N THR A 296 -7.30 0.77 -0.76
CA THR A 296 -6.62 1.95 -0.24
C THR A 296 -7.66 3.06 -0.08
N GLU A 297 -8.57 3.12 -1.06
CA GLU A 297 -9.64 4.11 -1.08
C GLU A 297 -10.52 4.13 0.16
N ALA A 298 -10.43 3.10 1.01
CA ALA A 298 -11.24 3.07 2.22
C ALA A 298 -10.39 2.95 3.50
N THR A 299 -9.16 3.49 3.44
CA THR A 299 -8.25 3.47 4.58
C THR A 299 -7.80 2.09 5.06
N VAL A 300 -7.01 1.41 4.23
CA VAL A 300 -6.46 0.09 4.55
C VAL A 300 -7.42 -1.10 4.52
N ALA A 301 -8.27 -1.24 5.53
CA ALA A 301 -9.21 -2.35 5.59
C ALA A 301 -10.50 -1.99 6.32
N VAL A 302 -11.62 -2.60 5.90
CA VAL A 302 -12.91 -2.34 6.53
C VAL A 302 -13.61 -3.59 7.06
N THR A 303 -12.87 -4.69 7.16
CA THR A 303 -13.44 -5.94 7.66
C THR A 303 -12.37 -6.77 8.34
N SER A 304 -12.79 -7.74 9.12
CA SER A 304 -11.85 -8.60 9.81
C SER A 304 -12.51 -9.85 10.35
N VAL A 305 -11.69 -10.87 10.58
CA VAL A 305 -12.16 -12.13 11.11
C VAL A 305 -10.97 -12.96 11.57
N GLU A 306 -11.07 -13.50 12.77
CA GLU A 306 -9.99 -14.31 13.28
C GLU A 306 -10.06 -15.66 12.57
N ILE A 307 -8.93 -16.09 12.02
CA ILE A 307 -8.88 -17.37 11.33
C ILE A 307 -8.58 -18.48 12.33
N THR A 308 -9.46 -19.47 12.36
CA THR A 308 -9.32 -20.63 13.25
C THR A 308 -9.53 -21.87 12.41
N ASN A 309 -9.06 -23.02 12.90
CA ASN A 309 -9.25 -24.25 12.15
C ASN A 309 -10.73 -24.44 11.91
N ASP A 310 -11.52 -23.94 12.85
CA ASP A 310 -12.96 -24.05 12.72
C ASP A 310 -13.41 -23.19 11.55
N VAL A 311 -12.79 -22.04 11.36
CA VAL A 311 -13.14 -21.17 10.25
C VAL A 311 -12.55 -21.71 8.97
N ILE A 312 -11.44 -22.45 9.08
CA ILE A 312 -10.81 -23.03 7.91
C ILE A 312 -11.62 -24.20 7.37
N SER A 313 -12.05 -25.09 8.26
CA SER A 313 -12.82 -26.25 7.82
C SER A 313 -14.18 -25.87 7.25
N ARG A 314 -14.79 -24.83 7.81
CA ARG A 314 -16.11 -24.39 7.34
C ARG A 314 -16.11 -23.82 5.92
N SER A 315 -14.94 -23.52 5.38
CA SER A 315 -14.86 -22.98 4.04
C SER A 315 -13.53 -23.25 3.35
N GLU A 316 -13.57 -23.56 2.06
CA GLU A 316 -12.37 -23.84 1.29
C GLU A 316 -11.82 -22.54 0.73
N SER A 317 -12.41 -21.42 1.14
CA SER A 317 -12.00 -20.09 0.72
C SER A 317 -12.22 -19.18 1.93
N LEU A 318 -11.15 -18.82 2.62
CA LEU A 318 -11.26 -17.97 3.81
C LEU A 318 -12.04 -16.68 3.61
N PRO A 319 -12.94 -16.36 4.53
CA PRO A 319 -13.75 -15.14 4.44
C PRO A 319 -12.86 -13.92 4.76
N VAL A 320 -13.27 -12.73 4.33
CA VAL A 320 -12.48 -11.55 4.63
C VAL A 320 -12.90 -10.97 5.97
N GLY A 321 -14.06 -11.39 6.46
CA GLY A 321 -14.52 -10.92 7.75
C GLY A 321 -15.81 -10.13 7.82
N PHE A 322 -16.08 -9.58 9.00
CA PHE A 322 -17.26 -8.78 9.25
C PHE A 322 -16.91 -7.31 9.15
N ALA A 323 -17.89 -6.50 8.78
CA ALA A 323 -17.71 -5.07 8.60
C ALA A 323 -17.12 -4.37 9.82
N LYS A 324 -16.38 -3.31 9.57
CA LYS A 324 -15.78 -2.52 10.63
C LYS A 324 -17.04 -2.01 11.33
N PRO A 325 -17.17 -2.25 12.64
CA PRO A 325 -18.32 -1.83 13.44
C PRO A 325 -19.09 -0.60 12.98
N ASP A 326 -18.39 0.43 12.50
CA ASP A 326 -19.05 1.66 12.05
C ASP A 326 -19.12 1.77 10.52
N MET A 327 -18.79 0.70 9.83
CA MET A 327 -18.81 0.70 8.37
C MET A 327 -19.94 -0.14 7.79
N ASN A 328 -20.52 0.34 6.71
CA ASN A 328 -21.59 -0.39 6.05
C ASN A 328 -21.05 -0.91 4.73
N ILE A 329 -21.29 -2.18 4.49
CA ILE A 329 -20.81 -2.81 3.26
C ILE A 329 -22.01 -3.49 2.61
N PHE A 330 -22.23 -3.20 1.33
CA PHE A 330 -23.34 -3.78 0.59
C PHE A 330 -22.81 -4.57 -0.59
N ILE A 331 -23.66 -5.37 -1.21
CA ILE A 331 -23.27 -6.14 -2.37
C ILE A 331 -24.17 -5.68 -3.51
N MET A 332 -23.86 -4.51 -4.07
CA MET A 332 -24.66 -3.97 -5.16
C MET A 332 -24.58 -4.86 -6.39
N ASP A 333 -25.47 -4.59 -7.35
CA ASP A 333 -25.52 -5.36 -8.58
C ASP A 333 -25.16 -4.54 -9.82
N GLU A 334 -25.13 -5.22 -10.96
CA GLU A 334 -24.80 -4.60 -12.23
C GLU A 334 -25.67 -3.38 -12.54
N GLU A 335 -26.80 -3.29 -11.86
CA GLU A 335 -27.75 -2.20 -12.06
C GLU A 335 -27.58 -1.04 -11.06
N GLY A 336 -26.89 -1.29 -9.95
CA GLY A 336 -26.67 -0.24 -8.98
C GLY A 336 -27.43 -0.35 -7.68
N GLN A 337 -28.13 -1.48 -7.48
CA GLN A 337 -28.91 -1.70 -6.26
C GLN A 337 -28.38 -2.87 -5.44
N PRO A 338 -28.81 -2.98 -4.17
CA PRO A 338 -28.38 -4.05 -3.26
C PRO A 338 -28.75 -5.48 -3.65
N LEU A 339 -28.20 -6.44 -2.90
CA LEU A 339 -28.46 -7.86 -3.14
C LEU A 339 -28.51 -8.63 -1.82
N PRO A 340 -29.36 -9.67 -1.76
CA PRO A 340 -29.53 -10.50 -0.55
C PRO A 340 -28.37 -11.47 -0.37
N GLU A 341 -28.14 -11.90 0.87
CA GLU A 341 -27.05 -12.82 1.17
C GLU A 341 -26.97 -13.95 0.16
N GLY A 342 -25.76 -14.32 -0.24
CA GLY A 342 -25.57 -15.41 -1.17
C GLY A 342 -25.38 -15.03 -2.62
N GLU A 343 -26.04 -13.96 -3.05
CA GLU A 343 -25.94 -13.51 -4.43
C GLU A 343 -24.54 -12.90 -4.65
N LYS A 344 -24.05 -12.98 -5.88
CA LYS A 344 -22.74 -12.42 -6.19
C LYS A 344 -22.86 -11.05 -6.83
N GLY A 345 -22.26 -10.05 -6.20
CA GLY A 345 -22.30 -8.71 -6.73
C GLY A 345 -20.99 -7.99 -6.49
N GLU A 346 -21.03 -6.67 -6.52
CA GLU A 346 -19.83 -5.87 -6.30
C GLU A 346 -19.85 -5.38 -4.86
N ILE A 347 -18.73 -5.51 -4.17
CA ILE A 347 -18.66 -5.07 -2.78
C ILE A 347 -18.65 -3.55 -2.76
N VAL A 348 -19.47 -2.96 -1.90
CA VAL A 348 -19.54 -1.50 -1.81
C VAL A 348 -19.40 -1.05 -0.36
N ILE A 349 -18.43 -0.18 -0.13
CA ILE A 349 -18.11 0.32 1.19
C ILE A 349 -18.59 1.75 1.45
N ALA A 350 -19.39 1.91 2.51
CA ALA A 350 -19.90 3.23 2.88
C ALA A 350 -19.63 3.48 4.37
N GLY A 351 -19.05 4.63 4.69
CA GLY A 351 -18.76 4.91 6.09
C GLY A 351 -17.60 5.87 6.30
N PRO A 352 -17.25 6.16 7.56
CA PRO A 352 -16.15 7.06 7.91
C PRO A 352 -14.75 6.71 7.40
N SER A 353 -14.57 5.50 6.88
CA SER A 353 -13.27 5.08 6.37
C SER A 353 -13.07 5.40 4.89
N VAL A 354 -14.15 5.78 4.22
CA VAL A 354 -14.07 6.08 2.80
C VAL A 354 -13.41 7.42 2.52
N SER A 355 -12.51 7.42 1.55
CA SER A 355 -11.78 8.63 1.16
C SER A 355 -12.71 9.62 0.47
N ARG A 356 -12.39 10.91 0.59
CA ARG A 356 -13.20 11.93 -0.05
C ARG A 356 -13.08 11.84 -1.57
N GLY A 357 -11.99 11.25 -2.06
CA GLY A 357 -11.80 11.11 -3.49
C GLY A 357 -10.35 11.23 -3.96
N TYR A 358 -10.14 11.06 -5.26
CA TYR A 358 -8.81 11.13 -5.86
C TYR A 358 -8.41 12.58 -6.06
N LEU A 359 -7.18 12.92 -5.67
CA LEU A 359 -6.67 14.27 -5.77
C LEU A 359 -6.56 14.82 -7.19
N GLY A 360 -7.26 15.92 -7.44
CA GLY A 360 -7.24 16.53 -8.75
C GLY A 360 -7.86 15.69 -9.85
N GLU A 361 -8.58 14.64 -9.48
CA GLU A 361 -9.20 13.76 -10.46
C GLU A 361 -10.70 13.59 -10.24
N PRO A 362 -11.47 14.67 -10.39
CA PRO A 362 -12.92 14.63 -10.21
C PRO A 362 -13.67 13.60 -11.05
N GLU A 363 -13.37 13.53 -12.34
CA GLU A 363 -14.03 12.56 -13.22
C GLU A 363 -13.84 11.13 -12.72
N LEU A 364 -12.65 10.82 -12.24
CA LEU A 364 -12.35 9.49 -11.75
C LEU A 364 -13.05 9.25 -10.42
N THR A 365 -13.03 10.26 -9.55
CA THR A 365 -13.69 10.14 -8.26
C THR A 365 -15.16 9.89 -8.54
N GLU A 366 -15.73 10.79 -9.33
CA GLU A 366 -17.14 10.75 -9.72
C GLU A 366 -17.65 9.37 -10.14
N LYS A 367 -16.79 8.56 -10.73
CA LYS A 367 -17.21 7.23 -11.19
C LYS A 367 -17.24 6.19 -10.08
N ALA A 368 -16.26 6.24 -9.17
CA ALA A 368 -16.16 5.27 -8.09
C ALA A 368 -16.79 5.68 -6.75
N PHE A 369 -16.76 6.97 -6.43
CA PHE A 369 -17.31 7.45 -5.17
C PHE A 369 -18.71 8.05 -5.31
N PHE A 370 -19.56 7.80 -4.33
CA PHE A 370 -20.92 8.35 -4.37
C PHE A 370 -21.64 8.38 -3.02
N SER A 371 -22.63 9.26 -2.92
CA SER A 371 -23.41 9.38 -1.69
C SER A 371 -24.56 8.38 -1.71
N HIS A 372 -24.52 7.46 -0.76
CA HIS A 372 -25.53 6.43 -0.66
C HIS A 372 -26.21 6.51 0.71
N GLU A 373 -27.51 6.75 0.71
CA GLU A 373 -28.24 6.81 1.97
C GLU A 373 -27.66 7.91 2.86
N GLY A 374 -26.97 8.86 2.25
CA GLY A 374 -26.41 9.96 3.02
C GLY A 374 -24.97 9.78 3.47
N GLN A 375 -24.37 8.64 3.19
CA GLN A 375 -22.99 8.42 3.61
C GLN A 375 -22.08 8.13 2.43
N TRP A 376 -20.93 8.79 2.40
CA TRP A 376 -19.95 8.60 1.33
C TRP A 376 -19.62 7.12 1.16
N ALA A 377 -19.70 6.64 -0.08
CA ALA A 377 -19.44 5.24 -0.38
C ALA A 377 -18.49 5.07 -1.55
N TYR A 378 -17.96 3.85 -1.69
CA TYR A 378 -17.00 3.53 -2.74
C TYR A 378 -17.28 2.17 -3.37
N ARG A 379 -17.28 2.12 -4.71
CA ARG A 379 -17.47 0.86 -5.41
C ARG A 379 -16.08 0.24 -5.48
N THR A 380 -15.87 -0.83 -4.72
CA THR A 380 -14.57 -1.46 -4.65
C THR A 380 -14.05 -2.03 -5.96
N GLY A 381 -14.96 -2.54 -6.78
CA GLY A 381 -14.53 -3.13 -8.04
C GLY A 381 -14.33 -4.61 -7.82
N ASP A 382 -14.47 -5.04 -6.56
CA ASP A 382 -14.32 -6.44 -6.23
C ASP A 382 -15.68 -7.12 -6.34
N ALA A 383 -15.65 -8.41 -6.61
CA ALA A 383 -16.86 -9.21 -6.70
C ALA A 383 -16.94 -10.02 -5.41
N GLY A 384 -18.12 -10.09 -4.82
CA GLY A 384 -18.25 -10.86 -3.59
C GLY A 384 -19.68 -11.12 -3.18
N PHE A 385 -19.85 -11.65 -1.99
CA PHE A 385 -21.17 -11.95 -1.46
C PHE A 385 -21.04 -12.05 0.05
N ILE A 386 -22.16 -11.94 0.74
CA ILE A 386 -22.14 -12.02 2.19
C ILE A 386 -22.87 -13.27 2.65
N GLN A 387 -22.18 -14.10 3.42
CA GLN A 387 -22.76 -15.34 3.94
C GLN A 387 -22.56 -15.41 5.45
N ASP A 388 -23.66 -15.58 6.16
CA ASP A 388 -23.62 -15.67 7.62
C ASP A 388 -23.06 -14.37 8.19
N GLY A 389 -23.39 -13.26 7.53
CA GLY A 389 -22.92 -11.97 7.98
C GLY A 389 -21.50 -11.60 7.59
N GLN A 390 -20.72 -12.56 7.08
CA GLN A 390 -19.35 -12.22 6.71
C GLN A 390 -19.10 -12.18 5.20
N ILE A 391 -18.44 -11.10 4.79
CA ILE A 391 -18.12 -10.87 3.39
C ILE A 391 -17.10 -11.87 2.85
N PHE A 392 -17.34 -12.36 1.65
CA PHE A 392 -16.41 -13.27 1.01
C PHE A 392 -15.95 -12.51 -0.22
N CYS A 393 -14.65 -12.50 -0.45
CA CYS A 393 -14.12 -11.78 -1.59
C CYS A 393 -13.59 -12.70 -2.67
N GLN A 394 -14.10 -12.53 -3.88
CA GLN A 394 -13.67 -13.35 -5.00
C GLN A 394 -13.54 -12.59 -6.31
N GLY A 395 -12.30 -12.47 -6.77
CA GLY A 395 -12.02 -11.81 -8.03
C GLY A 395 -12.50 -10.40 -8.24
N ARG A 396 -11.99 -9.78 -9.30
CA ARG A 396 -12.35 -8.42 -9.64
C ARG A 396 -13.22 -8.40 -10.89
N LEU A 397 -13.85 -7.26 -11.11
CA LEU A 397 -14.73 -7.08 -12.24
C LEU A 397 -13.95 -6.46 -13.38
N ASP A 398 -12.91 -5.72 -13.03
CA ASP A 398 -12.09 -5.03 -14.02
C ASP A 398 -10.72 -5.66 -14.28
N PHE A 399 -9.82 -4.85 -14.83
CA PHE A 399 -8.48 -5.29 -15.17
C PHE A 399 -7.38 -4.97 -14.18
N GLN A 400 -7.78 -4.69 -12.94
CA GLN A 400 -6.82 -4.41 -11.89
C GLN A 400 -6.42 -5.78 -11.33
N ILE A 401 -5.16 -5.95 -10.99
CA ILE A 401 -4.71 -7.23 -10.47
C ILE A 401 -3.83 -7.06 -9.23
N LYS A 402 -3.41 -8.19 -8.69
CA LYS A 402 -2.56 -8.25 -7.51
C LYS A 402 -1.43 -9.23 -7.85
N LEU A 403 -0.20 -8.74 -7.82
CA LEU A 403 0.93 -9.62 -8.12
C LEU A 403 1.85 -9.64 -6.92
N HIS A 404 1.83 -10.75 -6.18
CA HIS A 404 2.63 -10.88 -4.98
C HIS A 404 2.16 -9.82 -4.00
N GLY A 405 0.87 -9.53 -4.02
CA GLY A 405 0.32 -8.54 -3.12
C GLY A 405 0.45 -7.12 -3.63
N TYR A 406 1.06 -6.93 -4.81
CA TYR A 406 1.20 -5.60 -5.36
C TYR A 406 0.01 -5.24 -6.22
N ARG A 407 -0.57 -4.07 -5.95
CA ARG A 407 -1.72 -3.61 -6.71
C ARG A 407 -1.27 -2.88 -7.98
N MET A 408 -1.84 -3.26 -9.12
CA MET A 408 -1.51 -2.62 -10.38
C MET A 408 -2.66 -2.77 -11.38
N GLU A 409 -2.73 -1.83 -12.33
CA GLU A 409 -3.76 -1.85 -13.34
C GLU A 409 -3.15 -2.32 -14.66
N LEU A 410 -3.61 -3.46 -15.17
CA LEU A 410 -3.07 -3.99 -16.42
C LEU A 410 -3.09 -2.93 -17.52
N GLU A 411 -4.08 -2.04 -17.47
CA GLU A 411 -4.22 -1.00 -18.47
C GLU A 411 -3.22 0.14 -18.36
N GLU A 412 -2.64 0.33 -17.17
CA GLU A 412 -1.64 1.38 -17.00
C GLU A 412 -0.33 0.86 -17.59
N ILE A 413 -0.11 -0.44 -17.46
CA ILE A 413 1.10 -1.03 -18.00
C ILE A 413 1.04 -1.02 -19.53
N GLU A 414 -0.11 -1.41 -20.06
CA GLU A 414 -0.30 -1.45 -21.51
C GLU A 414 -0.13 -0.03 -22.05
N PHE A 415 -0.61 0.93 -21.28
CA PHE A 415 -0.50 2.32 -21.69
C PHE A 415 0.97 2.67 -21.86
N HIS A 416 1.77 2.41 -20.83
CA HIS A 416 3.20 2.70 -20.88
C HIS A 416 3.92 1.92 -21.96
N VAL A 417 3.60 0.64 -22.11
CA VAL A 417 4.26 -0.15 -23.14
C VAL A 417 3.95 0.42 -24.52
N ARG A 418 2.68 0.80 -24.73
N ARG A 418 2.68 0.81 -24.71
CA ARG A 418 2.24 1.36 -26.00
CA ARG A 418 2.20 1.37 -25.95
C ARG A 418 2.79 2.77 -26.19
C ARG A 418 2.73 2.78 -26.17
N GLN A 419 3.17 3.42 -25.10
CA GLN A 419 3.72 4.77 -25.20
C GLN A 419 5.12 4.77 -25.79
N SER A 420 5.64 3.58 -26.07
CA SER A 420 6.98 3.49 -26.64
C SER A 420 6.98 3.71 -28.14
N GLN A 421 8.11 4.17 -28.66
CA GLN A 421 8.25 4.40 -30.09
C GLN A 421 8.31 3.04 -30.78
N TYR A 422 8.99 2.11 -30.14
CA TYR A 422 9.15 0.76 -30.67
C TYR A 422 7.86 -0.05 -30.69
N VAL A 423 6.88 0.34 -29.89
CA VAL A 423 5.63 -0.40 -29.81
C VAL A 423 4.46 0.25 -30.54
N ARG A 424 3.64 -0.59 -31.20
CA ARG A 424 2.47 -0.10 -31.92
C ARG A 424 1.21 -0.54 -31.20
N SER A 425 1.27 -1.71 -30.58
CA SER A 425 0.16 -2.26 -29.84
C SER A 425 0.69 -3.14 -28.73
N ALA A 426 -0.08 -3.31 -27.67
CA ALA A 426 0.38 -4.14 -26.57
C ALA A 426 -0.76 -4.57 -25.67
N VAL A 427 -0.64 -5.79 -25.15
CA VAL A 427 -1.62 -6.36 -24.25
C VAL A 427 -0.82 -7.09 -23.20
N VAL A 428 -1.15 -6.87 -21.93
CA VAL A 428 -0.44 -7.54 -20.85
C VAL A 428 -1.29 -8.67 -20.31
N ILE A 429 -0.74 -9.87 -20.32
CA ILE A 429 -1.46 -11.04 -19.85
C ILE A 429 -0.96 -11.49 -18.50
N PRO A 430 -1.88 -11.61 -17.52
CA PRO A 430 -1.43 -12.07 -16.20
C PRO A 430 -1.43 -13.59 -16.21
N TYR A 431 -0.30 -14.21 -15.91
CA TYR A 431 -0.27 -15.66 -15.88
C TYR A 431 -0.78 -16.08 -14.51
N GLN A 432 -2.03 -16.51 -14.46
CA GLN A 432 -2.64 -16.93 -13.21
C GLN A 432 -3.33 -18.28 -13.39
N PRO A 433 -2.54 -19.36 -13.48
CA PRO A 433 -3.12 -20.70 -13.65
C PRO A 433 -4.16 -21.00 -12.56
N ASN A 434 -3.72 -20.91 -11.31
CA ASN A 434 -4.63 -21.14 -10.19
C ASN A 434 -5.62 -19.99 -10.08
N GLY A 435 -5.11 -18.84 -9.66
CA GLY A 435 -5.93 -17.65 -9.50
C GLY A 435 -4.94 -16.54 -9.20
N THR A 436 -3.95 -16.90 -8.40
CA THR A 436 -2.88 -16.01 -7.99
C THR A 436 -2.00 -15.72 -9.22
N VAL A 437 -1.78 -14.45 -9.52
CA VAL A 437 -0.95 -14.08 -10.66
C VAL A 437 0.50 -14.33 -10.29
N GLU A 438 1.22 -15.09 -11.10
CA GLU A 438 2.63 -15.38 -10.80
C GLU A 438 3.58 -14.40 -11.49
N TYR A 439 3.19 -13.95 -12.68
CA TYR A 439 3.99 -12.98 -13.43
C TYR A 439 3.18 -12.47 -14.59
N LEU A 440 3.69 -11.45 -15.26
CA LEU A 440 2.97 -10.89 -16.39
C LEU A 440 3.65 -11.14 -17.73
N ILE A 441 2.84 -11.20 -18.78
CA ILE A 441 3.35 -11.41 -20.12
C ILE A 441 2.88 -10.23 -20.96
N ALA A 442 3.77 -9.73 -21.82
CA ALA A 442 3.41 -8.62 -22.68
C ALA A 442 3.43 -9.05 -24.13
N ALA A 443 2.25 -9.13 -24.74
CA ALA A 443 2.13 -9.50 -26.15
C ALA A 443 2.26 -8.20 -26.89
N ILE A 444 3.30 -8.08 -27.71
CA ILE A 444 3.55 -6.84 -28.42
C ILE A 444 3.59 -6.88 -29.94
N VAL A 445 2.90 -5.91 -30.55
CA VAL A 445 2.87 -5.75 -31.99
C VAL A 445 3.84 -4.59 -32.19
N PRO A 446 5.11 -4.90 -32.48
CA PRO A 446 6.18 -3.92 -32.70
C PRO A 446 6.08 -2.94 -33.85
N GLU A 447 6.96 -1.94 -33.78
CA GLU A 447 7.09 -0.90 -34.79
C GLU A 447 8.42 -1.18 -35.46
N GLU A 448 8.47 -1.09 -36.78
CA GLU A 448 9.71 -1.36 -37.50
C GLU A 448 10.86 -0.56 -36.92
N HIS A 449 11.84 -1.25 -36.36
CA HIS A 449 12.99 -0.59 -35.79
C HIS A 449 14.24 -0.93 -36.59
N GLU A 450 15.37 -1.12 -35.89
CA GLU A 450 16.62 -1.44 -36.55
C GLU A 450 17.49 -2.35 -35.68
N PHE A 451 16.97 -2.74 -34.52
CA PHE A 451 17.70 -3.60 -33.59
C PHE A 451 18.13 -4.91 -34.23
N GLU A 452 18.97 -5.65 -33.52
CA GLU A 452 19.47 -6.93 -34.00
C GLU A 452 18.68 -8.08 -33.39
N LYS A 453 19.14 -8.59 -32.25
CA LYS A 453 18.47 -9.68 -31.56
C LYS A 453 17.11 -9.22 -31.02
N GLU A 454 16.42 -10.10 -30.30
CA GLU A 454 15.12 -9.75 -29.73
C GLU A 454 15.28 -9.10 -28.37
N PHE A 455 16.15 -9.65 -27.53
CA PHE A 455 16.33 -9.06 -26.21
C PHE A 455 16.89 -7.65 -26.40
N GLN A 456 17.05 -7.27 -27.66
CA GLN A 456 17.53 -5.95 -28.03
C GLN A 456 16.32 -5.04 -27.93
N LEU A 457 15.30 -5.38 -28.71
CA LEU A 457 14.04 -4.62 -28.72
C LEU A 457 13.36 -4.74 -27.37
N THR A 458 13.51 -5.92 -26.75
CA THR A 458 12.91 -6.18 -25.45
C THR A 458 13.60 -5.39 -24.34
N SER A 459 14.90 -5.18 -24.48
CA SER A 459 15.64 -4.45 -23.46
C SER A 459 15.40 -2.97 -23.57
N ALA A 460 15.32 -2.46 -24.79
CA ALA A 460 15.09 -1.04 -25.00
C ALA A 460 13.75 -0.61 -24.39
N ILE A 461 12.73 -1.46 -24.54
CA ILE A 461 11.41 -1.17 -24.01
C ILE A 461 11.40 -1.20 -22.48
N LYS A 462 11.91 -2.29 -21.90
CA LYS A 462 11.94 -2.40 -20.45
C LYS A 462 12.75 -1.27 -19.84
N LYS A 463 13.88 -0.93 -20.45
CA LYS A 463 14.73 0.14 -19.95
C LYS A 463 13.89 1.40 -19.82
N GLU A 464 12.99 1.61 -20.78
CA GLU A 464 12.09 2.75 -20.77
C GLU A 464 11.13 2.64 -19.59
N LEU A 465 10.41 1.53 -19.52
CA LEU A 465 9.45 1.28 -18.45
C LEU A 465 10.06 1.44 -17.06
N ALA A 466 11.32 1.02 -16.93
CA ALA A 466 12.02 1.12 -15.67
C ALA A 466 11.94 2.53 -15.11
N ALA A 467 11.82 3.51 -16.00
CA ALA A 467 11.76 4.90 -15.62
C ALA A 467 10.42 5.43 -15.12
N SER A 468 9.31 4.88 -15.64
CA SER A 468 7.98 5.33 -15.24
C SER A 468 7.19 4.30 -14.44
N LEU A 469 7.67 3.07 -14.39
CA LEU A 469 6.95 2.04 -13.68
C LEU A 469 7.79 1.34 -12.64
N PRO A 470 7.21 1.08 -11.47
CA PRO A 470 7.99 0.39 -10.44
C PRO A 470 8.30 -1.00 -10.99
N ALA A 471 9.37 -1.60 -10.50
CA ALA A 471 9.79 -2.92 -10.99
C ALA A 471 8.69 -3.99 -11.03
N TYR A 472 7.86 -4.08 -9.99
CA TYR A 472 6.81 -5.09 -9.97
C TYR A 472 5.74 -4.92 -11.03
N MET A 473 5.84 -3.86 -11.83
CA MET A 473 4.86 -3.60 -12.87
C MET A 473 5.45 -3.78 -14.28
N ILE A 474 6.72 -4.13 -14.33
CA ILE A 474 7.38 -4.35 -15.61
C ILE A 474 7.17 -5.83 -15.95
N PRO A 475 6.45 -6.12 -17.05
CA PRO A 475 6.21 -7.53 -17.41
C PRO A 475 7.49 -8.36 -17.48
N ARG A 476 7.41 -9.57 -16.93
CA ARG A 476 8.54 -10.47 -16.95
C ARG A 476 8.83 -10.98 -18.36
N LYS A 477 7.76 -11.34 -19.08
CA LYS A 477 7.91 -11.89 -20.42
C LYS A 477 7.39 -10.99 -21.54
N PHE A 478 8.17 -10.91 -22.61
CA PHE A 478 7.85 -10.12 -23.80
C PHE A 478 7.83 -11.01 -25.04
N ILE A 479 6.68 -11.11 -25.70
CA ILE A 479 6.59 -11.90 -26.93
C ILE A 479 5.95 -11.02 -28.00
N TYR A 480 6.39 -11.16 -29.25
CA TYR A 480 5.87 -10.31 -30.33
C TYR A 480 4.98 -11.01 -31.34
N GLN A 481 4.07 -10.25 -31.93
CA GLN A 481 3.12 -10.77 -32.92
C GLN A 481 2.96 -9.78 -34.07
N ASP A 482 2.01 -10.03 -34.97
CA ASP A 482 1.80 -9.14 -36.11
C ASP A 482 0.62 -8.19 -35.91
N HIS A 483 -0.37 -8.65 -35.14
CA HIS A 483 -1.56 -7.86 -34.87
C HIS A 483 -2.33 -8.45 -33.70
N ILE A 484 -3.22 -7.65 -33.11
CA ILE A 484 -4.00 -8.09 -31.95
C ILE A 484 -5.49 -8.33 -32.25
N GLN A 485 -6.06 -9.35 -31.63
CA GLN A 485 -7.47 -9.70 -31.81
C GLN A 485 -8.37 -8.72 -31.07
N MET A 486 -8.82 -7.68 -31.77
CA MET A 486 -9.70 -6.68 -31.16
C MET A 486 -11.19 -7.03 -31.34
N THR A 487 -11.75 -7.67 -30.32
CA THR A 487 -13.16 -8.11 -30.32
C THR A 487 -14.11 -6.98 -29.91
N ALA A 488 -15.40 -7.28 -29.88
CA ALA A 488 -16.43 -6.30 -29.52
C ALA A 488 -16.29 -5.02 -30.34
N ASN A 489 -16.00 -5.19 -31.63
CA ASN A 489 -15.84 -4.06 -32.55
C ASN A 489 -14.69 -3.16 -32.12
N GLY A 490 -13.69 -3.75 -31.46
CA GLY A 490 -12.55 -2.99 -31.00
C GLY A 490 -11.90 -3.55 -29.75
N LYS A 491 -12.71 -3.88 -28.76
CA LYS A 491 -12.20 -4.43 -27.50
C LYS A 491 -11.51 -5.77 -27.69
N ILE A 492 -10.18 -5.73 -27.73
CA ILE A 492 -9.35 -6.92 -27.91
C ILE A 492 -9.83 -8.09 -27.06
N ASP A 493 -9.54 -9.29 -27.54
CA ASP A 493 -9.90 -10.53 -26.86
C ASP A 493 -8.71 -11.06 -26.04
N ARG A 494 -8.68 -10.67 -24.78
CA ARG A 494 -7.62 -11.04 -23.85
C ARG A 494 -7.46 -12.54 -23.63
N LYS A 495 -8.58 -13.24 -23.54
CA LYS A 495 -8.57 -14.68 -23.31
C LYS A 495 -7.81 -15.44 -24.38
N ARG A 496 -8.09 -15.12 -25.65
CA ARG A 496 -7.44 -15.79 -26.77
C ARG A 496 -5.95 -15.50 -26.81
N ILE A 497 -5.58 -14.22 -26.64
CA ILE A 497 -4.17 -13.82 -26.67
C ILE A 497 -3.38 -14.60 -25.62
N GLY A 498 -4.01 -14.82 -24.47
CA GLY A 498 -3.35 -15.57 -23.41
C GLY A 498 -3.08 -16.99 -23.87
N GLU A 499 -4.10 -17.66 -24.39
CA GLU A 499 -3.97 -19.03 -24.87
C GLU A 499 -2.82 -19.15 -25.85
N GLU A 500 -2.81 -18.26 -26.84
CA GLU A 500 -1.76 -18.27 -27.84
C GLU A 500 -0.41 -18.18 -27.16
N VAL A 501 -0.27 -17.21 -26.24
CA VAL A 501 0.98 -17.01 -25.53
C VAL A 501 1.45 -18.21 -24.70
N LEU A 502 0.52 -18.92 -24.06
CA LEU A 502 0.92 -20.07 -23.27
C LEU A 502 1.35 -21.18 -24.24
N VAL A 503 0.70 -21.28 -25.39
CA VAL A 503 1.09 -22.28 -26.37
C VAL A 503 2.50 -21.97 -26.85
N ARG A 504 2.76 -20.70 -27.14
CA ARG A 504 4.09 -20.31 -27.60
C ARG A 504 5.15 -20.62 -26.55
N SER A 505 4.77 -20.57 -25.27
CA SER A 505 5.73 -20.85 -24.20
C SER A 505 6.19 -22.31 -24.20
N HIS A 506 5.57 -23.13 -25.03
CA HIS A 506 5.92 -24.55 -25.14
C HIS A 506 6.91 -24.75 -26.28
N HIS A 507 6.99 -23.77 -27.17
CA HIS A 507 7.89 -23.85 -28.31
C HIS A 507 9.19 -23.10 -28.05
N HIS A 508 10.22 -23.83 -27.67
CA HIS A 508 11.52 -23.25 -27.37
C HIS A 508 12.26 -22.86 -28.64
P AMP B . -4.86 -2.23 -2.02
O1P AMP B . -4.71 -2.51 -0.58
O2P AMP B . -3.44 -2.16 -2.78
O3P AMP B . -5.59 -0.83 -2.29
O5' AMP B . -5.70 -3.37 -2.79
C5' AMP B . -7.03 -3.67 -2.38
C4' AMP B . -7.51 -4.96 -3.03
O4' AMP B . -6.74 -6.10 -2.63
C3' AMP B . -8.95 -5.30 -2.61
O3' AMP B . -9.86 -4.50 -3.37
C2' AMP B . -8.96 -6.75 -3.12
O2' AMP B . -8.90 -6.77 -4.54
C1' AMP B . -7.63 -7.23 -2.54
N9 AMP B . -7.78 -7.58 -1.10
C8 AMP B . -7.55 -6.77 -0.07
N7 AMP B . -7.72 -7.43 1.07
C5 AMP B . -8.06 -8.68 0.76
C6 AMP B . -8.34 -9.82 1.51
N6 AMP B . -8.24 -9.80 2.83
N1 AMP B . -8.66 -10.96 0.87
C2 AMP B . -8.71 -11.00 -0.45
N3 AMP B . -8.45 -9.94 -1.19
C4 AMP B . -8.12 -8.77 -0.62
#